data_2QRK
#
_entry.id   2QRK
#
_cell.length_a   45.970
_cell.length_b   69.106
_cell.length_c   127.829
_cell.angle_alpha   90.00
_cell.angle_beta   90.00
_cell.angle_gamma   90.00
#
_symmetry.space_group_name_H-M   'P 21 21 21'
#
loop_
_entity.id
_entity.type
_entity.pdbx_description
1 polymer 'Saccharopine dehydrogenase [NAD+, L-lysine-forming'
2 non-polymer 'ADENOSINE MONOPHOSPHATE'
3 water water
#
_entity_poly.entity_id   1
_entity_poly.type   'polypeptide(L)'
_entity_poly.pdbx_seq_one_letter_code
;MGHHHHHHHHHHSSGHIEGRHMAAVTLHLRAETKPLEARAALTPTTVKKLIAKGFKIYVEDSPQSTFNINEYRQAGAIIV
PAGSWKTAPRDRIIIGLKEMPETDTFPLVHEHIQFAHCYKDQAGWQNVLMRFIKGHGTLYDLEFLENDQGRRVAAFGFYA
GFAGAALGVRDWAFKQTHSDDEDLPAVSPYPNEKALVKDVTKDYKEALATGARKPTVLIIGALGRCGSGAIDLLHKVGIP
DANILKWDIKETSRGGPFDEIPQADIFINCIYLSKPIAPFTNMEKLNNPNRRLRTVVDVSADTTNPHNPIPIYTVATVFN
KPTVLVPTTAGPKLSVISIDHLPSLLPREASEFFSHDLLPSLELLPQRKTAPVWVRAKKLFDRHCARVKRSSRL
;
_entity_poly.pdbx_strand_id   A
#
loop_
_chem_comp.id
_chem_comp.type
_chem_comp.name
_chem_comp.formula
AMP non-polymer 'ADENOSINE MONOPHOSPHATE' 'C10 H14 N5 O7 P'
#
# COMPACT_ATOMS: atom_id res chain seq x y z
N ALA A 24 27.45 -16.77 -7.00
CA ALA A 24 26.44 -16.43 -5.93
C ALA A 24 26.23 -14.92 -5.83
N VAL A 25 24.97 -14.53 -5.68
CA VAL A 25 24.61 -13.13 -5.48
C VAL A 25 24.52 -12.89 -3.98
N THR A 26 24.99 -11.72 -3.57
CA THR A 26 24.84 -11.26 -2.19
C THR A 26 23.83 -10.12 -2.12
N LEU A 27 22.80 -10.30 -1.29
CA LEU A 27 21.81 -9.24 -1.04
C LEU A 27 21.99 -8.72 0.38
N HIS A 28 21.77 -7.42 0.55
CA HIS A 28 21.94 -6.76 1.84
C HIS A 28 20.68 -5.94 2.12
N LEU A 29 19.88 -6.40 3.09
CA LEU A 29 18.59 -5.75 3.41
C LEU A 29 18.86 -4.60 4.36
N ARG A 30 18.73 -3.37 3.86
CA ARG A 30 18.98 -2.22 4.73
C ARG A 30 17.80 -1.94 5.64
N ALA A 31 18.09 -1.44 6.85
CA ALA A 31 17.07 -0.98 7.79
C ALA A 31 16.40 0.29 7.26
N GLU A 32 15.07 0.30 7.29
CA GLU A 32 14.30 1.48 6.94
C GLU A 32 14.52 2.57 7.99
N THR A 33 14.47 3.83 7.55
CA THR A 33 14.65 4.99 8.43
C THR A 33 13.42 5.92 8.39
N LYS A 34 12.57 5.74 7.37
CA LYS A 34 11.39 6.62 7.22
C LYS A 34 10.48 6.41 8.45
N PRO A 35 9.99 7.52 9.06
CA PRO A 35 9.15 7.45 10.26
C PRO A 35 8.06 6.39 10.14
N LEU A 36 8.03 5.47 11.10
CA LEU A 36 6.95 4.47 11.28
C LEU A 36 6.87 3.44 10.15
N GLU A 37 7.97 3.27 9.41
CA GLU A 37 7.94 2.28 8.34
C GLU A 37 8.40 0.95 8.94
N ALA A 38 7.45 0.01 9.09
CA ALA A 38 7.69 -1.29 9.74
C ALA A 38 7.72 -2.45 8.77
N ARG A 39 7.52 -2.18 7.47
CA ARG A 39 7.57 -3.27 6.48
C ARG A 39 9.02 -3.57 6.11
N ALA A 40 9.22 -4.64 5.35
CA ALA A 40 10.55 -5.02 4.90
C ALA A 40 10.48 -5.69 3.54
N ALA A 41 11.47 -5.38 2.68
CA ALA A 41 11.46 -5.84 1.29
C ALA A 41 11.72 -7.36 1.18
N LEU A 42 12.49 -7.90 2.13
CA LEU A 42 12.69 -9.35 2.31
C LEU A 42 12.19 -9.70 3.68
N THR A 43 11.49 -10.81 3.78
CA THR A 43 11.04 -11.31 5.09
C THR A 43 11.94 -12.51 5.48
N PRO A 44 11.89 -12.95 6.75
CA PRO A 44 12.66 -14.16 7.11
C PRO A 44 12.36 -15.32 6.15
N THR A 45 11.08 -15.47 5.76
CA THR A 45 10.71 -16.54 4.84
C THR A 45 11.37 -16.42 3.48
N THR A 46 11.33 -15.21 2.89
CA THR A 46 11.92 -15.07 1.53
C THR A 46 13.46 -15.15 1.62
N VAL A 47 14.01 -14.69 2.75
CA VAL A 47 15.45 -14.86 3.02
C VAL A 47 15.82 -16.36 3.02
N LYS A 48 15.08 -17.17 3.79
CA LYS A 48 15.32 -18.62 3.83
C LYS A 48 15.30 -19.21 2.42
N LYS A 49 14.32 -18.78 1.63
CA LYS A 49 14.11 -19.31 0.28
C LYS A 49 15.26 -18.94 -0.64
N LEU A 50 15.76 -17.70 -0.52
CA LEU A 50 16.91 -17.24 -1.30
C LEU A 50 18.19 -17.99 -0.89
N ILE A 51 18.38 -18.16 0.41
CA ILE A 51 19.51 -18.96 0.90
C ILE A 51 19.50 -20.39 0.36
N ALA A 52 18.31 -20.98 0.25
CA ALA A 52 18.19 -22.35 -0.28
C ALA A 52 18.63 -22.41 -1.75
N LYS A 53 18.60 -21.26 -2.43
CA LYS A 53 19.10 -21.11 -3.81
C LYS A 53 20.55 -20.64 -3.92
N GLY A 54 21.25 -20.56 -2.80
CA GLY A 54 22.66 -20.20 -2.81
C GLY A 54 23.04 -18.75 -2.65
N PHE A 55 22.04 -17.89 -2.38
CA PHE A 55 22.31 -16.48 -2.12
C PHE A 55 23.01 -16.32 -0.77
N LYS A 56 23.82 -15.27 -0.69
CA LYS A 56 24.37 -14.84 0.60
C LYS A 56 23.51 -13.63 1.01
N ILE A 57 22.92 -13.71 2.21
CA ILE A 57 21.99 -12.66 2.62
C ILE A 57 22.50 -11.98 3.90
N TYR A 58 22.70 -10.67 3.82
CA TYR A 58 22.95 -9.83 5.01
C TYR A 58 21.67 -9.11 5.38
N VAL A 59 21.38 -8.98 6.68
CA VAL A 59 20.19 -8.25 7.15
C VAL A 59 20.61 -7.26 8.26
N GLU A 60 20.29 -5.98 8.03
CA GLU A 60 20.57 -4.97 9.03
C GLU A 60 19.61 -5.11 10.23
N ASP A 61 20.17 -4.99 11.44
CA ASP A 61 19.38 -5.02 12.68
C ASP A 61 18.53 -3.75 12.74
N SER A 62 17.26 -3.88 12.36
CA SER A 62 16.42 -2.70 12.19
C SER A 62 15.56 -2.45 13.39
N PRO A 63 15.64 -1.22 13.95
CA PRO A 63 14.76 -0.93 15.08
C PRO A 63 13.28 -1.01 14.65
N GLN A 64 12.94 -0.41 13.51
CA GLN A 64 11.53 -0.20 13.24
C GLN A 64 10.79 -1.38 12.61
N SER A 65 11.50 -2.45 12.26
CA SER A 65 10.85 -3.54 11.49
C SER A 65 9.87 -4.35 12.33
N THR A 66 8.77 -4.76 11.71
CA THR A 66 7.80 -5.62 12.37
C THR A 66 8.35 -7.02 12.65
N PHE A 67 9.46 -7.36 11.98
CA PHE A 67 10.09 -8.67 12.11
C PHE A 67 11.13 -8.59 13.18
N ASN A 68 11.16 -9.59 14.04
CA ASN A 68 12.21 -9.69 15.05
C ASN A 68 13.52 -10.18 14.40
N ILE A 69 14.65 -9.60 14.80
CA ILE A 69 15.91 -9.94 14.12
C ILE A 69 16.25 -11.43 14.26
N ASN A 70 15.81 -12.06 15.37
CA ASN A 70 16.03 -13.52 15.57
C ASN A 70 15.44 -14.36 14.44
N GLU A 71 14.29 -13.92 13.88
CA GLU A 71 13.66 -14.58 12.75
C GLU A 71 14.60 -14.66 11.56
N TYR A 72 15.25 -13.53 11.27
CA TYR A 72 16.22 -13.51 10.13
C TYR A 72 17.44 -14.40 10.42
N ARG A 73 17.93 -14.31 11.65
CA ARG A 73 19.09 -15.13 12.10
C ARG A 73 18.80 -16.61 11.92
N GLN A 74 17.65 -17.04 12.41
CA GLN A 74 17.27 -18.45 12.31
C GLN A 74 17.09 -18.93 10.86
N ALA A 75 16.77 -17.99 9.97
CA ALA A 75 16.65 -18.24 8.53
C ALA A 75 18.01 -18.38 7.81
N GLY A 76 19.09 -17.96 8.49
CA GLY A 76 20.46 -18.02 7.91
C GLY A 76 21.06 -16.66 7.52
N ALA A 77 20.38 -15.57 7.83
CA ALA A 77 20.91 -14.24 7.50
C ALA A 77 22.13 -13.93 8.35
N ILE A 78 23.06 -13.18 7.76
CA ILE A 78 24.17 -12.63 8.49
C ILE A 78 23.74 -11.25 8.99
N ILE A 79 23.64 -11.10 10.30
CA ILE A 79 23.16 -9.83 10.88
C ILE A 79 24.29 -8.80 10.96
N VAL A 80 23.97 -7.59 10.51
CA VAL A 80 24.91 -6.46 10.49
C VAL A 80 24.22 -5.16 11.03
N PRO A 81 25.02 -4.15 11.40
CA PRO A 81 24.45 -2.90 11.96
C PRO A 81 23.58 -2.13 10.99
N ALA A 82 22.58 -1.47 11.55
CA ALA A 82 21.78 -0.53 10.78
C ALA A 82 22.69 0.53 10.17
N GLY A 83 22.46 0.85 8.89
CA GLY A 83 23.28 1.86 8.17
C GLY A 83 24.59 1.32 7.56
N SER A 84 24.91 0.05 7.84
CA SER A 84 26.17 -0.54 7.38
C SER A 84 26.25 -0.72 5.86
N TRP A 85 25.10 -0.70 5.17
CA TRP A 85 25.12 -0.74 3.69
C TRP A 85 26.03 0.36 3.12
N LYS A 86 26.13 1.47 3.85
CA LYS A 86 26.85 2.67 3.34
C LYS A 86 28.35 2.41 3.20
N THR A 87 28.87 1.40 3.87
CA THR A 87 30.30 1.07 3.76
C THR A 87 30.51 -0.36 3.32
N ALA A 88 29.43 -0.97 2.82
CA ALA A 88 29.47 -2.38 2.48
C ALA A 88 30.24 -2.58 1.16
N PRO A 89 30.84 -3.77 0.97
CA PRO A 89 31.55 -4.03 -0.28
C PRO A 89 30.68 -3.81 -1.51
N ARG A 90 31.34 -3.36 -2.56
CA ARG A 90 30.72 -2.90 -3.78
C ARG A 90 29.85 -3.96 -4.41
N ASP A 91 30.13 -5.23 -4.15
CA ASP A 91 29.44 -6.28 -4.85
C ASP A 91 28.06 -6.65 -4.22
N ARG A 92 27.76 -6.17 -3.01
CA ARG A 92 26.45 -6.48 -2.41
C ARG A 92 25.37 -5.68 -3.13
N ILE A 93 24.25 -6.33 -3.42
CA ILE A 93 23.11 -5.59 -3.94
C ILE A 93 22.30 -5.10 -2.72
N ILE A 94 22.08 -3.79 -2.65
CA ILE A 94 21.38 -3.19 -1.50
C ILE A 94 19.88 -3.15 -1.78
N ILE A 95 19.09 -3.75 -0.90
CA ILE A 95 17.63 -3.80 -1.07
C ILE A 95 16.87 -3.20 0.09
N GLY A 96 15.94 -2.31 -0.22
CA GLY A 96 15.09 -1.69 0.81
C GLY A 96 13.79 -1.30 0.15
N LEU A 97 12.85 -0.80 0.93
CA LEU A 97 11.60 -0.31 0.32
C LEU A 97 11.65 1.17 -0.04
N LYS A 98 11.87 2.03 0.96
CA LYS A 98 11.63 3.46 0.76
C LYS A 98 12.77 4.18 0.02
N GLU A 99 12.45 5.38 -0.45
CA GLU A 99 13.42 6.24 -1.14
C GLU A 99 14.53 6.66 -0.16
N MET A 100 15.66 7.12 -0.71
CA MET A 100 16.76 7.61 0.12
C MET A 100 16.36 8.95 0.74
N PRO A 101 16.82 9.21 1.98
CA PRO A 101 16.58 10.52 2.61
C PRO A 101 17.11 11.62 1.71
N GLU A 102 16.27 12.62 1.43
CA GLU A 102 16.59 13.66 0.45
C GLU A 102 17.88 14.39 0.86
N THR A 103 18.12 14.39 2.17
CA THR A 103 19.29 14.93 2.85
C THR A 103 20.64 14.25 2.51
N ASP A 104 20.64 12.91 2.36
CA ASP A 104 21.84 12.14 2.00
C ASP A 104 22.38 12.65 0.65
N THR A 105 23.67 13.01 0.58
CA THR A 105 24.23 13.52 -0.67
C THR A 105 25.36 12.67 -1.26
N PHE A 106 25.85 11.69 -0.51
CA PHE A 106 27.00 10.91 -0.92
C PHE A 106 26.68 10.06 -2.14
N PRO A 107 27.65 9.86 -3.04
CA PRO A 107 27.38 9.04 -4.24
C PRO A 107 26.96 7.62 -3.84
N LEU A 108 26.05 7.06 -4.63
CA LEU A 108 25.59 5.68 -4.44
C LEU A 108 26.34 4.72 -5.35
N VAL A 109 27.20 3.90 -4.78
CA VAL A 109 28.09 3.04 -5.57
C VAL A 109 27.55 1.63 -5.85
N HIS A 110 26.54 1.20 -5.08
CA HIS A 110 25.99 -0.15 -5.23
C HIS A 110 24.87 -0.22 -6.26
N GLU A 111 24.55 -1.45 -6.66
CA GLU A 111 23.29 -1.77 -7.30
C GLU A 111 22.24 -1.77 -6.18
N HIS A 112 21.16 -0.99 -6.37
CA HIS A 112 20.07 -0.86 -5.36
C HIS A 112 18.75 -1.33 -5.95
N ILE A 113 17.97 -1.99 -5.11
CA ILE A 113 16.59 -2.30 -5.39
C ILE A 113 15.75 -1.57 -4.34
N GLN A 114 14.87 -0.68 -4.79
CA GLN A 114 14.10 0.17 -3.89
C GLN A 114 13.05 0.93 -4.70
N PHE A 115 12.07 1.52 -4.01
CA PHE A 115 11.23 2.58 -4.62
C PHE A 115 11.96 3.91 -4.48
N ALA A 116 12.59 4.39 -5.55
CA ALA A 116 13.46 5.57 -5.44
C ALA A 116 12.72 6.90 -5.63
N HIS A 117 11.50 6.83 -6.17
CA HIS A 117 10.64 8.00 -6.41
C HIS A 117 11.38 9.12 -7.15
N CYS A 118 12.02 8.80 -8.27
CA CYS A 118 12.74 9.79 -9.08
C CYS A 118 12.49 9.70 -10.59
N TYR A 119 11.44 8.97 -10.97
CA TYR A 119 11.14 8.73 -12.39
C TYR A 119 9.96 9.56 -12.90
N LYS A 120 9.22 10.14 -11.96
CA LYS A 120 8.00 10.89 -12.28
C LYS A 120 8.17 12.38 -11.97
N ASP A 121 9.35 12.91 -12.24
CA ASP A 121 9.69 14.32 -12.04
C ASP A 121 9.43 14.85 -10.62
N GLN A 122 9.57 13.99 -9.62
CA GLN A 122 9.51 14.40 -8.20
C GLN A 122 10.60 15.46 -7.95
N ALA A 123 10.39 16.33 -6.96
CA ALA A 123 11.39 17.36 -6.63
C ALA A 123 12.76 16.74 -6.33
N GLY A 124 13.79 17.25 -7.00
CA GLY A 124 15.17 16.78 -6.82
C GLY A 124 15.48 15.42 -7.45
N TRP A 125 14.63 14.99 -8.38
CA TRP A 125 14.81 13.71 -9.07
C TRP A 125 16.17 13.61 -9.75
N GLN A 126 16.66 14.72 -10.30
CA GLN A 126 17.94 14.75 -10.99
C GLN A 126 19.09 14.54 -10.00
N ASN A 127 18.95 15.11 -8.81
CA ASN A 127 19.96 14.94 -7.77
C ASN A 127 20.03 13.49 -7.22
N VAL A 128 18.86 12.87 -7.00
CA VAL A 128 18.75 11.42 -6.71
C VAL A 128 19.54 10.60 -7.73
N LEU A 129 19.31 10.87 -9.02
CA LEU A 129 20.03 10.16 -10.06
C LEU A 129 21.51 10.49 -10.12
N MET A 130 21.89 11.76 -9.88
CA MET A 130 23.30 12.16 -9.87
C MET A 130 24.09 11.39 -8.83
N ARG A 131 23.43 11.06 -7.72
CA ARG A 131 24.08 10.23 -6.71
C ARG A 131 24.47 8.88 -7.32
N PHE A 132 23.57 8.27 -8.09
CA PHE A 132 23.91 7.04 -8.82
C PHE A 132 24.98 7.24 -9.90
N ILE A 133 24.83 8.26 -10.72
CA ILE A 133 25.79 8.60 -11.78
C ILE A 133 27.21 8.78 -11.21
N LYS A 134 27.35 9.66 -10.21
CA LYS A 134 28.64 9.91 -9.57
C LYS A 134 29.22 8.63 -8.98
N GLY A 135 28.34 7.83 -8.33
CA GLY A 135 28.75 6.58 -7.72
C GLY A 135 29.12 5.41 -8.62
N HIS A 136 28.68 5.46 -9.87
CA HIS A 136 28.71 4.33 -10.81
C HIS A 136 27.76 3.22 -10.31
N GLY A 137 26.80 3.59 -9.48
CA GLY A 137 25.79 2.65 -8.98
C GLY A 137 24.66 2.46 -9.98
N THR A 138 23.74 1.55 -9.66
CA THR A 138 22.60 1.23 -10.52
C THR A 138 21.33 1.17 -9.66
N LEU A 139 20.24 1.72 -10.17
CA LEU A 139 18.92 1.59 -9.56
C LEU A 139 18.05 0.62 -10.35
N TYR A 140 17.49 -0.36 -9.67
CA TYR A 140 16.40 -1.15 -10.22
C TYR A 140 15.15 -0.76 -9.46
N ASP A 141 14.33 0.10 -10.05
CA ASP A 141 13.22 0.66 -9.28
C ASP A 141 12.03 -0.28 -9.15
N LEU A 142 11.65 -0.56 -7.89
CA LEU A 142 10.59 -1.49 -7.60
C LEU A 142 9.22 -1.09 -8.16
N GLU A 143 8.97 0.21 -8.25
CA GLU A 143 7.69 0.71 -8.78
C GLU A 143 7.45 0.29 -10.24
N PHE A 144 8.54 0.15 -11.01
CA PHE A 144 8.41 -0.09 -12.44
C PHE A 144 8.90 -1.47 -12.85
N LEU A 145 9.27 -2.31 -11.88
CA LEU A 145 9.68 -3.68 -12.19
C LEU A 145 8.53 -4.45 -12.80
N GLU A 146 8.81 -5.09 -13.94
CA GLU A 146 7.78 -5.63 -14.79
C GLU A 146 8.09 -7.08 -15.14
N ASN A 147 7.07 -7.93 -15.11
CA ASN A 147 7.30 -9.30 -15.56
C ASN A 147 7.25 -9.39 -17.09
N ASP A 148 7.43 -10.60 -17.62
CA ASP A 148 7.52 -10.82 -19.06
C ASP A 148 6.20 -10.61 -19.80
N GLN A 149 5.09 -10.58 -19.07
CA GLN A 149 3.77 -10.25 -19.63
C GLN A 149 3.40 -8.77 -19.48
N GLY A 150 4.34 -7.93 -19.03
CA GLY A 150 4.10 -6.48 -18.90
C GLY A 150 3.41 -5.98 -17.64
N ARG A 151 3.17 -6.86 -16.68
CA ARG A 151 2.52 -6.54 -15.41
C ARG A 151 3.53 -6.23 -14.29
N ARG A 152 3.16 -5.31 -13.40
CA ARG A 152 3.99 -4.99 -12.23
C ARG A 152 4.23 -6.23 -11.38
N VAL A 153 5.49 -6.44 -11.03
CA VAL A 153 5.94 -7.63 -10.30
C VAL A 153 5.44 -7.66 -8.85
N ALA A 154 5.58 -6.54 -8.16
CA ALA A 154 5.24 -6.51 -6.73
C ALA A 154 4.73 -5.14 -6.29
N ALA A 155 3.65 -5.17 -5.53
CA ALA A 155 2.95 -3.97 -5.05
C ALA A 155 2.23 -4.37 -3.78
N PHE A 156 1.47 -3.45 -3.19
CA PHE A 156 0.81 -3.74 -1.92
C PHE A 156 -0.71 -3.68 -2.01
N GLY A 157 -1.27 -3.94 -3.20
CA GLY A 157 -2.69 -3.63 -3.40
C GLY A 157 -3.64 -4.46 -2.54
N PHE A 158 -3.37 -5.77 -2.46
CA PHE A 158 -4.26 -6.66 -1.69
C PHE A 158 -4.39 -6.17 -0.25
N TYR A 159 -3.27 -5.92 0.40
CA TYR A 159 -3.38 -5.48 1.81
C TYR A 159 -3.85 -4.04 2.02
N ALA A 160 -3.62 -3.22 1.01
CA ALA A 160 -4.21 -1.88 0.97
C ALA A 160 -5.75 -2.01 1.00
N GLY A 161 -6.29 -2.90 0.17
CA GLY A 161 -7.75 -3.15 0.14
C GLY A 161 -8.26 -3.78 1.42
N PHE A 162 -7.51 -4.75 1.94
CA PHE A 162 -7.91 -5.46 3.14
C PHE A 162 -7.95 -4.47 4.30
N ALA A 163 -6.87 -3.71 4.49
CA ALA A 163 -6.82 -2.71 5.59
C ALA A 163 -7.87 -1.58 5.39
N GLY A 164 -8.08 -1.15 4.15
CA GLY A 164 -9.07 -0.09 3.84
C GLY A 164 -10.48 -0.56 4.21
N ALA A 165 -10.83 -1.78 3.81
CA ALA A 165 -12.12 -2.41 4.20
C ALA A 165 -12.23 -2.51 5.74
N ALA A 166 -11.14 -2.88 6.42
CA ALA A 166 -11.14 -3.03 7.88
C ALA A 166 -11.52 -1.68 8.53
N LEU A 167 -10.85 -0.61 8.09
CA LEU A 167 -11.07 0.70 8.71
C LEU A 167 -12.47 1.19 8.35
N GLY A 168 -12.92 0.87 7.14
CA GLY A 168 -14.27 1.28 6.66
C GLY A 168 -15.34 0.67 7.55
N VAL A 169 -15.25 -0.62 7.79
CA VAL A 169 -16.20 -1.30 8.68
C VAL A 169 -16.13 -0.69 10.09
N ARG A 170 -14.91 -0.47 10.59
CA ARG A 170 -14.73 0.17 11.91
C ARG A 170 -15.40 1.54 11.99
N ASP A 171 -15.21 2.36 10.96
CA ASP A 171 -15.86 3.69 10.94
C ASP A 171 -17.39 3.60 10.93
N TRP A 172 -17.92 2.77 10.04
CA TRP A 172 -19.36 2.55 9.98
C TRP A 172 -19.91 2.09 11.35
N ALA A 173 -19.25 1.11 11.97
CA ALA A 173 -19.68 0.57 13.29
C ALA A 173 -19.65 1.68 14.32
N PHE A 174 -18.55 2.43 14.33
CA PHE A 174 -18.33 3.53 15.29
C PHE A 174 -19.52 4.51 15.24
N LYS A 175 -19.96 4.82 14.04
CA LYS A 175 -21.09 5.74 13.82
C LYS A 175 -22.41 5.24 14.44
N GLN A 176 -22.52 3.93 14.70
CA GLN A 176 -23.75 3.36 15.26
C GLN A 176 -23.83 3.47 16.77
N THR A 177 -22.67 3.66 17.40
CA THR A 177 -22.49 3.52 18.86
C THR A 177 -21.90 4.78 19.54
N HIS A 178 -21.69 5.85 18.76
CA HIS A 178 -21.08 7.09 19.27
C HIS A 178 -21.80 8.31 18.69
N SER A 179 -21.68 9.46 19.37
CA SER A 179 -22.31 10.67 18.84
C SER A 179 -21.52 11.24 17.66
N ASP A 180 -22.21 12.05 16.85
CA ASP A 180 -21.57 12.65 15.67
C ASP A 180 -20.43 13.59 16.03
N ASP A 181 -20.39 14.10 17.28
CA ASP A 181 -19.29 14.98 17.69
C ASP A 181 -17.99 14.22 17.98
N GLU A 182 -18.05 12.89 17.94
CA GLU A 182 -16.86 12.04 18.10
C GLU A 182 -16.47 11.40 16.76
N ASP A 183 -15.17 11.30 16.53
CA ASP A 183 -14.62 10.64 15.33
C ASP A 183 -13.88 9.35 15.70
N LEU A 184 -13.71 8.48 14.71
CA LEU A 184 -12.90 7.27 14.91
C LEU A 184 -11.51 7.62 15.46
N PRO A 185 -11.15 7.01 16.61
CA PRO A 185 -9.88 7.33 17.26
C PRO A 185 -8.70 6.88 16.42
N ALA A 186 -7.53 7.45 16.73
CA ALA A 186 -6.25 6.99 16.18
C ALA A 186 -6.15 5.47 16.09
N VAL A 187 -5.65 5.02 14.95
CA VAL A 187 -5.47 3.59 14.74
C VAL A 187 -3.97 3.22 14.79
N SER A 188 -3.73 1.97 15.16
CA SER A 188 -2.36 1.44 15.31
C SER A 188 -2.19 0.17 14.48
N PRO A 189 -0.96 -0.04 13.96
CA PRO A 189 -0.71 -1.29 13.22
C PRO A 189 -0.96 -2.50 14.09
N TYR A 190 -1.34 -3.59 13.46
CA TYR A 190 -1.57 -4.86 14.11
C TYR A 190 -0.44 -5.84 13.82
N PRO A 191 -0.12 -6.72 14.78
CA PRO A 191 0.99 -7.66 14.55
C PRO A 191 0.70 -8.78 13.54
N ASN A 192 -0.58 -9.09 13.36
CA ASN A 192 -1.01 -10.14 12.46
C ASN A 192 -2.46 -9.89 12.05
N GLU A 193 -2.83 -10.50 10.96
CA GLU A 193 -4.18 -10.32 10.39
C GLU A 193 -5.29 -10.79 11.33
N LYS A 194 -5.11 -11.95 11.99
CA LYS A 194 -6.16 -12.49 12.89
C LYS A 194 -6.52 -11.46 13.95
N ALA A 195 -5.51 -10.78 14.48
CA ALA A 195 -5.71 -9.80 15.57
C ALA A 195 -6.58 -8.65 15.04
N LEU A 196 -6.29 -8.21 13.80
CA LEU A 196 -7.10 -7.15 13.16
C LEU A 196 -8.56 -7.62 12.98
N VAL A 197 -8.72 -8.79 12.36
CA VAL A 197 -10.04 -9.34 12.11
C VAL A 197 -10.84 -9.47 13.41
N LYS A 198 -10.17 -9.88 14.49
CA LYS A 198 -10.87 -10.08 15.77
C LYS A 198 -11.48 -8.77 16.26
N ASP A 199 -10.70 -7.70 16.17
CA ASP A 199 -11.13 -6.38 16.60
C ASP A 199 -12.25 -5.79 15.72
N VAL A 200 -12.11 -5.91 14.39
CA VAL A 200 -13.15 -5.44 13.48
C VAL A 200 -14.45 -6.20 13.65
N THR A 201 -14.35 -7.52 13.82
CA THR A 201 -15.53 -8.35 14.05
C THR A 201 -16.26 -7.89 15.33
N LYS A 202 -15.49 -7.66 16.40
CA LYS A 202 -16.05 -7.19 17.70
C LYS A 202 -16.86 -5.90 17.51
N ASP A 203 -16.26 -4.94 16.82
CA ASP A 203 -16.89 -3.63 16.57
C ASP A 203 -18.14 -3.81 15.72
N TYR A 204 -18.02 -4.62 14.66
CA TYR A 204 -19.11 -4.87 13.76
C TYR A 204 -20.31 -5.53 14.47
N LYS A 205 -20.03 -6.61 15.20
CA LYS A 205 -21.09 -7.32 15.92
C LYS A 205 -21.76 -6.41 16.98
N GLU A 206 -20.95 -5.58 17.64
CA GLU A 206 -21.50 -4.61 18.59
C GLU A 206 -22.51 -3.68 17.89
N ALA A 207 -22.14 -3.18 16.71
CA ALA A 207 -23.03 -2.30 15.95
C ALA A 207 -24.32 -3.00 15.59
N LEU A 208 -24.23 -4.25 15.08
CA LEU A 208 -25.40 -5.04 14.76
C LEU A 208 -26.30 -5.29 15.98
N ALA A 209 -25.70 -5.45 17.16
CA ALA A 209 -26.44 -5.76 18.40
C ALA A 209 -27.34 -4.58 18.81
N THR A 210 -27.02 -3.38 18.33
CA THR A 210 -27.87 -2.19 18.52
C THR A 210 -29.11 -2.16 17.62
N GLY A 211 -29.21 -3.10 16.68
CA GLY A 211 -30.34 -3.17 15.78
C GLY A 211 -30.15 -2.42 14.48
N ALA A 212 -28.94 -1.92 14.25
CA ALA A 212 -28.56 -1.33 12.97
C ALA A 212 -28.83 -2.29 11.80
N ARG A 213 -29.43 -1.76 10.74
CA ARG A 213 -29.66 -2.51 9.52
C ARG A 213 -28.28 -3.02 9.04
N LYS A 214 -28.21 -4.26 8.56
CA LYS A 214 -26.91 -4.82 8.16
C LYS A 214 -26.43 -3.99 6.97
N PRO A 215 -25.15 -3.50 6.98
CA PRO A 215 -24.75 -2.58 5.92
C PRO A 215 -24.45 -3.28 4.60
N THR A 216 -24.74 -2.58 3.52
CA THR A 216 -24.24 -2.99 2.21
C THR A 216 -22.98 -2.20 1.91
N VAL A 217 -22.07 -2.87 1.21
CA VAL A 217 -20.77 -2.29 0.90
C VAL A 217 -20.59 -2.32 -0.60
N LEU A 218 -20.41 -1.14 -1.21
CA LEU A 218 -20.16 -1.08 -2.65
C LEU A 218 -18.66 -0.97 -2.88
N ILE A 219 -18.11 -1.84 -3.71
CA ILE A 219 -16.68 -1.81 -4.04
C ILE A 219 -16.52 -1.49 -5.53
N ILE A 220 -15.76 -0.44 -5.85
CA ILE A 220 -15.38 -0.20 -7.25
C ILE A 220 -13.96 -0.69 -7.49
N GLY A 221 -13.79 -1.48 -8.54
CA GLY A 221 -12.51 -2.19 -8.82
C GLY A 221 -12.45 -3.50 -8.06
N ALA A 222 -13.60 -4.17 -7.93
CA ALA A 222 -13.73 -5.35 -7.08
C ALA A 222 -12.90 -6.55 -7.55
N LEU A 223 -12.63 -6.63 -8.86
CA LEU A 223 -12.04 -7.84 -9.43
C LEU A 223 -10.51 -7.94 -9.31
N GLY A 224 -9.83 -6.84 -8.99
CA GLY A 224 -8.38 -6.86 -8.94
C GLY A 224 -7.84 -7.26 -7.57
N ARG A 225 -6.55 -7.05 -7.39
CA ARG A 225 -5.91 -7.46 -6.12
C ARG A 225 -6.46 -6.67 -4.92
N CYS A 226 -6.58 -5.34 -5.09
CA CYS A 226 -7.08 -4.46 -4.06
C CYS A 226 -8.54 -4.85 -3.69
N GLY A 227 -9.36 -5.00 -4.72
CA GLY A 227 -10.78 -5.43 -4.57
C GLY A 227 -10.87 -6.76 -3.83
N SER A 228 -10.05 -7.74 -4.23
CA SER A 228 -10.01 -9.05 -3.56
C SER A 228 -9.64 -8.93 -2.07
N GLY A 229 -8.69 -8.03 -1.75
CA GLY A 229 -8.30 -7.78 -0.37
C GLY A 229 -9.46 -7.25 0.46
N ALA A 230 -10.16 -6.25 -0.08
CA ALA A 230 -11.35 -5.68 0.59
C ALA A 230 -12.41 -6.78 0.84
N ILE A 231 -12.68 -7.56 -0.19
CA ILE A 231 -13.71 -8.63 -0.11
C ILE A 231 -13.32 -9.67 0.96
N ASP A 232 -12.03 -10.06 0.97
CA ASP A 232 -11.56 -11.04 1.93
C ASP A 232 -11.81 -10.52 3.38
N LEU A 233 -11.48 -9.26 3.64
CA LEU A 233 -11.76 -8.66 4.95
C LEU A 233 -13.25 -8.77 5.28
N LEU A 234 -14.08 -8.31 4.36
CA LEU A 234 -15.57 -8.31 4.56
C LEU A 234 -16.06 -9.71 4.91
N HIS A 235 -15.61 -10.69 4.12
CA HIS A 235 -15.97 -12.09 4.40
C HIS A 235 -15.56 -12.50 5.82
N LYS A 236 -14.32 -12.19 6.18
CA LYS A 236 -13.74 -12.67 7.44
C LYS A 236 -14.43 -12.04 8.65
N VAL A 237 -15.02 -10.85 8.48
CA VAL A 237 -15.76 -10.21 9.58
C VAL A 237 -17.27 -10.56 9.60
N GLY A 238 -17.70 -11.44 8.71
CA GLY A 238 -19.09 -11.94 8.70
C GLY A 238 -20.05 -11.18 7.78
N ILE A 239 -19.50 -10.43 6.84
CA ILE A 239 -20.34 -9.75 5.85
C ILE A 239 -20.44 -10.63 4.61
N PRO A 240 -21.66 -11.09 4.29
CA PRO A 240 -21.90 -12.06 3.21
C PRO A 240 -21.94 -11.38 1.83
N ASP A 241 -21.74 -12.16 0.77
CA ASP A 241 -21.84 -11.65 -0.60
C ASP A 241 -23.15 -10.92 -0.89
N ALA A 242 -24.23 -11.33 -0.22
CA ALA A 242 -25.54 -10.70 -0.41
C ALA A 242 -25.51 -9.20 -0.09
N ASN A 243 -24.58 -8.80 0.77
CA ASN A 243 -24.46 -7.39 1.16
C ASN A 243 -23.24 -6.67 0.60
N ILE A 244 -22.60 -7.29 -0.40
CA ILE A 244 -21.47 -6.66 -1.11
C ILE A 244 -21.82 -6.44 -2.59
N LEU A 245 -21.75 -5.20 -3.05
CA LEU A 245 -21.98 -4.89 -4.46
C LEU A 245 -20.61 -4.75 -5.14
N LYS A 246 -20.28 -5.75 -5.96
CA LYS A 246 -18.94 -5.84 -6.56
C LYS A 246 -18.96 -5.21 -7.95
N TRP A 247 -18.43 -3.99 -8.05
CA TRP A 247 -18.38 -3.26 -9.31
C TRP A 247 -16.99 -3.27 -9.92
N ASP A 248 -16.94 -3.43 -11.23
CA ASP A 248 -15.70 -3.30 -11.97
C ASP A 248 -15.97 -2.49 -13.25
N ILE A 249 -15.16 -2.69 -14.28
CA ILE A 249 -15.22 -1.84 -15.48
C ILE A 249 -16.63 -1.79 -16.11
N LYS A 250 -17.29 -2.94 -16.23
CA LYS A 250 -18.63 -2.97 -16.84
C LYS A 250 -19.65 -2.07 -16.13
N GLU A 251 -19.62 -2.08 -14.80
CA GLU A 251 -20.58 -1.32 -13.99
C GLU A 251 -20.33 0.21 -14.05
N THR A 252 -19.08 0.62 -14.21
CA THR A 252 -18.76 2.04 -14.21
C THR A 252 -18.77 2.62 -15.63
N SER A 253 -18.82 1.74 -16.63
CA SER A 253 -18.70 2.13 -18.04
C SER A 253 -19.82 3.06 -18.51
N ARG A 254 -20.98 3.01 -17.83
CA ARG A 254 -22.13 3.86 -18.17
C ARG A 254 -21.83 5.33 -17.81
N GLY A 255 -20.90 5.53 -16.87
CA GLY A 255 -20.46 6.87 -16.48
C GLY A 255 -21.27 7.40 -15.32
N GLY A 256 -20.57 8.06 -14.39
CA GLY A 256 -21.18 8.58 -13.18
C GLY A 256 -21.88 9.91 -13.37
N PRO A 257 -22.42 10.47 -12.26
CA PRO A 257 -22.42 9.88 -10.91
C PRO A 257 -23.39 8.69 -10.72
N PHE A 258 -23.03 7.77 -9.84
CA PHE A 258 -23.83 6.57 -9.59
C PHE A 258 -24.69 6.67 -8.32
N ASP A 259 -26.00 6.50 -8.47
CA ASP A 259 -26.95 6.56 -7.34
C ASP A 259 -26.65 5.50 -6.29
N GLU A 260 -26.05 4.39 -6.74
CA GLU A 260 -25.65 3.29 -5.89
C GLU A 260 -24.68 3.71 -4.77
N ILE A 261 -23.91 4.77 -5.01
CA ILE A 261 -22.92 5.22 -4.02
C ILE A 261 -23.63 5.79 -2.76
N PRO A 262 -24.44 6.86 -2.90
CA PRO A 262 -25.19 7.30 -1.69
C PRO A 262 -26.15 6.28 -1.10
N GLN A 263 -26.64 5.31 -1.90
CA GLN A 263 -27.54 4.26 -1.41
C GLN A 263 -26.81 3.17 -0.58
N ALA A 264 -25.50 3.01 -0.79
CA ALA A 264 -24.72 2.00 -0.04
C ALA A 264 -24.38 2.55 1.34
N ASP A 265 -24.15 1.69 2.34
CA ASP A 265 -23.75 2.16 3.64
C ASP A 265 -22.25 2.51 3.72
N ILE A 266 -21.47 1.73 2.98
CA ILE A 266 -20.02 1.92 2.91
C ILE A 266 -19.64 1.81 1.45
N PHE A 267 -18.73 2.69 1.02
CA PHE A 267 -18.22 2.67 -0.37
C PHE A 267 -16.72 2.56 -0.30
N ILE A 268 -16.16 1.54 -0.94
CA ILE A 268 -14.69 1.34 -0.98
C ILE A 268 -14.23 1.45 -2.41
N ASN A 269 -13.33 2.40 -2.65
CA ASN A 269 -12.82 2.60 -4.00
C ASN A 269 -11.45 1.97 -4.06
N CYS A 270 -11.28 1.03 -5.00
CA CYS A 270 -10.08 0.16 -5.06
C CYS A 270 -9.28 0.30 -6.35
N ILE A 271 -9.47 1.42 -7.05
CA ILE A 271 -8.79 1.65 -8.32
C ILE A 271 -8.39 3.12 -8.43
N TYR A 272 -7.14 3.36 -8.84
CA TYR A 272 -6.68 4.72 -9.01
C TYR A 272 -7.03 5.16 -10.41
N LEU A 273 -7.84 6.22 -10.50
CA LEU A 273 -8.20 6.80 -11.77
C LEU A 273 -7.90 8.29 -11.75
N SER A 274 -7.21 8.75 -12.79
CA SER A 274 -6.68 10.11 -12.83
C SER A 274 -6.98 10.83 -14.16
N LYS A 275 -7.60 10.13 -15.10
CA LYS A 275 -7.99 10.76 -16.38
C LYS A 275 -9.35 11.45 -16.26
N PRO A 276 -9.54 12.57 -16.98
CA PRO A 276 -10.72 13.40 -16.77
C PRO A 276 -12.03 12.79 -17.30
N ILE A 277 -12.73 12.07 -16.40
CA ILE A 277 -14.05 11.46 -16.67
C ILE A 277 -15.09 12.06 -15.71
N ALA A 278 -16.38 11.74 -15.90
CA ALA A 278 -17.42 12.18 -14.97
C ALA A 278 -17.18 11.55 -13.58
N PRO A 279 -17.46 12.30 -12.50
CA PRO A 279 -17.13 11.76 -11.17
C PRO A 279 -18.09 10.64 -10.73
N PHE A 280 -17.62 9.76 -9.85
CA PHE A 280 -18.43 8.65 -9.33
C PHE A 280 -19.57 9.16 -8.45
N THR A 281 -19.27 10.21 -7.69
CA THR A 281 -20.28 10.91 -6.90
C THR A 281 -19.85 12.36 -6.75
N ASN A 282 -20.72 13.17 -6.13
CA ASN A 282 -20.42 14.59 -5.89
C ASN A 282 -21.29 15.13 -4.76
N MET A 283 -21.00 16.35 -4.31
CA MET A 283 -21.74 16.93 -3.18
C MET A 283 -23.26 17.04 -3.44
N GLU A 284 -23.66 17.38 -4.66
CA GLU A 284 -25.10 17.49 -4.97
C GLU A 284 -25.85 16.20 -4.66
N LYS A 285 -25.30 15.09 -5.14
CA LYS A 285 -25.87 13.76 -4.90
C LYS A 285 -25.84 13.31 -3.43
N LEU A 286 -24.80 13.72 -2.71
CA LEU A 286 -24.64 13.37 -1.31
C LEU A 286 -25.52 14.21 -0.38
N ASN A 287 -25.88 15.41 -0.85
CA ASN A 287 -26.72 16.35 -0.05
C ASN A 287 -28.20 15.99 -0.17
N ASN A 288 -28.59 14.93 0.52
CA ASN A 288 -29.89 14.29 0.37
C ASN A 288 -30.24 13.66 1.73
N PRO A 289 -31.39 14.05 2.33
CA PRO A 289 -31.67 13.52 3.66
C PRO A 289 -31.89 12.00 3.64
N ASN A 290 -32.11 11.42 2.47
CA ASN A 290 -32.35 9.97 2.37
C ASN A 290 -31.07 9.16 2.11
N ARG A 291 -29.94 9.84 2.01
CA ARG A 291 -28.66 9.13 1.81
C ARG A 291 -28.37 8.16 2.97
N ARG A 292 -27.93 6.96 2.60
CA ARG A 292 -27.56 5.92 3.54
C ARG A 292 -26.06 5.91 3.84
N LEU A 293 -25.27 6.39 2.90
CA LEU A 293 -23.82 6.26 2.93
C LEU A 293 -23.22 6.98 4.14
N ARG A 294 -22.37 6.27 4.88
CA ARG A 294 -21.76 6.78 6.10
C ARG A 294 -20.26 6.91 5.98
N THR A 295 -19.66 6.05 5.15
CA THR A 295 -18.19 5.90 5.15
C THR A 295 -17.71 5.62 3.74
N VAL A 296 -16.73 6.41 3.29
CA VAL A 296 -16.07 6.22 1.99
C VAL A 296 -14.61 5.96 2.25
N VAL A 297 -14.10 4.85 1.72
CA VAL A 297 -12.68 4.54 1.85
C VAL A 297 -12.11 4.59 0.45
N ASP A 298 -11.30 5.61 0.19
CA ASP A 298 -10.64 5.75 -1.11
C ASP A 298 -9.23 5.17 -0.95
N VAL A 299 -9.10 3.88 -1.23
CA VAL A 299 -7.87 3.12 -0.88
C VAL A 299 -6.65 3.73 -1.58
N SER A 300 -6.84 4.10 -2.84
CA SER A 300 -5.77 4.67 -3.66
C SER A 300 -5.72 6.22 -3.66
N ALA A 301 -6.33 6.84 -2.65
CA ALA A 301 -6.38 8.31 -2.52
C ALA A 301 -5.00 8.91 -2.70
N ASP A 302 -4.95 9.98 -3.48
CA ASP A 302 -3.72 10.73 -3.72
C ASP A 302 -4.21 12.14 -3.96
N THR A 303 -4.02 13.03 -2.99
CA THR A 303 -4.55 14.40 -3.13
C THR A 303 -3.92 15.18 -4.29
N THR A 304 -2.82 14.67 -4.84
CA THR A 304 -2.18 15.30 -6.00
C THR A 304 -2.72 14.74 -7.33
N ASN A 305 -3.75 13.90 -7.24
CA ASN A 305 -4.50 13.44 -8.41
C ASN A 305 -5.11 14.63 -9.18
N PRO A 306 -4.75 14.76 -10.47
CA PRO A 306 -5.25 15.86 -11.30
C PRO A 306 -6.74 15.79 -11.59
N HIS A 307 -7.33 14.58 -11.51
CA HIS A 307 -8.75 14.37 -11.80
C HIS A 307 -9.35 13.33 -10.84
N ASN A 308 -9.60 13.77 -9.62
CA ASN A 308 -10.12 12.88 -8.58
C ASN A 308 -11.60 12.60 -8.80
N PRO A 309 -11.96 11.33 -9.10
CA PRO A 309 -13.34 10.97 -9.43
C PRO A 309 -14.25 10.83 -8.20
N ILE A 310 -13.72 11.11 -7.02
CA ILE A 310 -14.48 11.17 -5.79
C ILE A 310 -14.19 12.53 -5.14
N PRO A 311 -14.71 13.63 -5.75
CA PRO A 311 -14.35 15.01 -5.38
C PRO A 311 -15.14 15.52 -4.16
N ILE A 312 -14.85 14.92 -3.01
CA ILE A 312 -15.61 15.16 -1.78
C ILE A 312 -14.69 15.32 -0.56
N TYR A 313 -13.39 15.38 -0.81
CA TYR A 313 -12.36 15.56 0.22
C TYR A 313 -11.12 16.20 -0.41
N THR A 314 -10.35 16.89 0.43
CA THR A 314 -9.07 17.48 0.05
C THR A 314 -7.95 17.06 1.00
N VAL A 315 -8.32 16.42 2.10
CA VAL A 315 -7.38 16.01 3.16
C VAL A 315 -6.98 14.54 2.94
N ALA A 316 -5.68 14.26 3.03
CA ALA A 316 -5.17 12.89 3.08
C ALA A 316 -5.09 12.52 4.57
N THR A 317 -6.00 11.67 5.02
CA THR A 317 -6.07 11.30 6.44
C THR A 317 -4.90 10.35 6.76
N VAL A 318 -4.67 10.11 8.05
CA VAL A 318 -3.50 9.34 8.50
C VAL A 318 -3.89 8.51 9.69
N PHE A 319 -3.07 7.52 10.07
CA PHE A 319 -3.47 6.64 11.16
C PHE A 319 -3.87 7.41 12.43
N ASN A 320 -3.14 8.48 12.77
CA ASN A 320 -3.43 9.11 14.05
C ASN A 320 -4.74 9.95 14.02
N LYS A 321 -5.24 10.23 12.82
CA LYS A 321 -6.53 10.91 12.63
C LYS A 321 -7.14 10.37 11.34
N PRO A 322 -7.76 9.17 11.43
CA PRO A 322 -8.02 8.37 10.23
C PRO A 322 -9.18 8.80 9.33
N THR A 323 -10.08 9.62 9.86
CA THR A 323 -11.25 10.04 9.06
C THR A 323 -11.38 11.55 8.95
N VAL A 324 -12.04 11.99 7.88
CA VAL A 324 -12.32 13.43 7.68
C VAL A 324 -13.79 13.60 7.32
N LEU A 325 -14.41 14.62 7.90
CA LEU A 325 -15.78 14.93 7.57
C LEU A 325 -15.99 15.36 6.11
N VAL A 326 -16.99 14.77 5.47
CA VAL A 326 -17.51 15.27 4.20
C VAL A 326 -18.61 16.29 4.61
N PRO A 327 -18.44 17.59 4.26
CA PRO A 327 -19.32 18.66 4.76
C PRO A 327 -20.68 18.75 4.05
N THR A 328 -21.52 17.76 4.34
CA THR A 328 -22.86 17.65 3.74
C THR A 328 -23.86 18.63 4.39
N THR A 329 -24.89 19.02 3.63
CA THR A 329 -25.95 19.90 4.16
C THR A 329 -27.24 19.13 4.47
N ALA A 330 -27.26 17.83 4.10
CA ALA A 330 -28.37 16.97 4.45
C ALA A 330 -27.92 15.53 4.51
N GLY A 331 -28.63 14.71 5.30
CA GLY A 331 -28.28 13.29 5.46
C GLY A 331 -27.37 13.10 6.66
N PRO A 332 -27.12 11.83 7.03
CA PRO A 332 -26.34 11.55 8.24
C PRO A 332 -24.84 11.84 8.05
N LYS A 333 -24.14 11.90 9.18
CA LYS A 333 -22.72 12.18 9.18
C LYS A 333 -22.01 11.23 8.21
N LEU A 334 -21.24 11.82 7.31
CA LEU A 334 -20.44 11.08 6.32
C LEU A 334 -18.96 11.40 6.47
N SER A 335 -18.11 10.36 6.49
CA SER A 335 -16.67 10.56 6.62
C SER A 335 -15.89 9.87 5.49
N VAL A 336 -14.71 10.41 5.19
CA VAL A 336 -13.80 9.82 4.22
C VAL A 336 -12.55 9.30 4.94
N ILE A 337 -12.07 8.15 4.49
CA ILE A 337 -10.74 7.63 4.85
C ILE A 337 -9.91 7.71 3.59
N SER A 338 -8.80 8.46 3.67
CA SER A 338 -7.95 8.75 2.51
C SER A 338 -6.45 8.53 2.88
N ILE A 339 -6.22 7.42 3.57
CA ILE A 339 -4.89 7.01 4.03
C ILE A 339 -4.06 6.40 2.88
N ASP A 340 -2.84 6.92 2.68
CA ASP A 340 -1.98 6.45 1.60
C ASP A 340 -1.04 5.35 2.07
N HIS A 341 -1.17 4.95 3.33
CA HIS A 341 -0.31 3.95 3.97
C HIS A 341 -1.12 2.78 4.58
N LEU A 342 -2.20 2.39 3.91
CA LEU A 342 -3.07 1.35 4.46
C LEU A 342 -2.33 0.01 4.73
N PRO A 343 -1.41 -0.40 3.84
CA PRO A 343 -0.69 -1.65 4.08
C PRO A 343 0.08 -1.67 5.41
N SER A 344 0.46 -0.48 5.90
CA SER A 344 1.09 -0.39 7.25
C SER A 344 0.19 -0.80 8.41
N LEU A 345 -1.10 -1.01 8.14
CA LEU A 345 -1.97 -1.55 9.19
C LEU A 345 -1.61 -3.01 9.53
N LEU A 346 -1.10 -3.72 8.52
CA LEU A 346 -0.64 -5.10 8.68
C LEU A 346 0.74 -5.25 8.04
N PRO A 347 1.78 -4.68 8.68
CA PRO A 347 3.11 -4.68 7.99
C PRO A 347 3.70 -6.07 7.75
N ARG A 348 3.37 -7.04 8.59
CA ARG A 348 3.94 -8.41 8.42
C ARG A 348 3.37 -9.04 7.17
N GLU A 349 2.04 -9.18 7.11
CA GLU A 349 1.43 -9.80 5.94
C GLU A 349 1.69 -9.00 4.65
N ALA A 350 1.63 -7.66 4.76
CA ALA A 350 1.94 -6.78 3.62
C ALA A 350 3.32 -7.11 3.05
N SER A 351 4.28 -7.29 3.97
CA SER A 351 5.63 -7.60 3.57
C SER A 351 5.74 -9.01 2.97
N GLU A 352 5.06 -9.97 3.59
CA GLU A 352 5.10 -11.37 3.08
C GLU A 352 4.57 -11.44 1.63
N PHE A 353 3.42 -10.79 1.38
CA PHE A 353 2.82 -10.79 0.04
C PHE A 353 3.77 -10.11 -0.95
N PHE A 354 4.27 -8.93 -0.55
CA PHE A 354 5.15 -8.15 -1.43
C PHE A 354 6.43 -8.97 -1.78
N SER A 355 7.06 -9.50 -0.74
CA SER A 355 8.36 -10.15 -0.91
C SER A 355 8.20 -11.46 -1.71
N HIS A 356 7.11 -12.18 -1.46
CA HIS A 356 6.85 -13.39 -2.22
C HIS A 356 6.53 -13.07 -3.70
N ASP A 357 5.88 -11.93 -3.96
CA ASP A 357 5.61 -11.53 -5.34
C ASP A 357 6.90 -11.14 -6.07
N LEU A 358 7.85 -10.63 -5.28
CA LEU A 358 9.12 -10.18 -5.80
C LEU A 358 10.12 -11.36 -5.96
N LEU A 359 9.90 -12.42 -5.19
CA LEU A 359 10.85 -13.53 -5.11
C LEU A 359 11.31 -14.14 -6.47
N PRO A 360 10.35 -14.48 -7.37
CA PRO A 360 10.82 -15.07 -8.64
C PRO A 360 11.83 -14.14 -9.35
N SER A 361 11.55 -12.83 -9.39
CA SER A 361 12.49 -11.85 -9.96
C SER A 361 13.85 -11.87 -9.24
N LEU A 362 13.84 -11.85 -7.91
CA LEU A 362 15.08 -11.92 -7.15
C LEU A 362 15.88 -13.14 -7.52
N GLU A 363 15.20 -14.25 -7.75
CA GLU A 363 15.93 -15.51 -8.08
C GLU A 363 16.64 -15.42 -9.42
N LEU A 364 16.25 -14.45 -10.25
CA LEU A 364 16.95 -14.21 -11.52
C LEU A 364 18.15 -13.25 -11.42
N LEU A 365 18.44 -12.73 -10.22
CA LEU A 365 19.56 -11.79 -10.08
C LEU A 365 20.94 -12.34 -10.51
N PRO A 366 21.22 -13.64 -10.28
CA PRO A 366 22.50 -14.17 -10.82
C PRO A 366 22.63 -14.01 -12.33
N GLN A 367 21.52 -13.93 -13.04
CA GLN A 367 21.55 -13.73 -14.48
C GLN A 367 20.96 -12.37 -14.89
N ARG A 368 21.10 -11.40 -14.00
CA ARG A 368 20.50 -10.08 -14.20
C ARG A 368 20.97 -9.33 -15.45
N LYS A 369 22.16 -9.66 -15.95
CA LYS A 369 22.67 -9.06 -17.19
C LYS A 369 21.84 -9.44 -18.43
N THR A 370 21.11 -10.56 -18.34
CA THR A 370 20.26 -11.06 -19.45
C THR A 370 18.78 -11.28 -19.11
N ALA A 371 18.45 -11.50 -17.83
CA ALA A 371 17.05 -11.69 -17.41
C ALA A 371 16.23 -10.43 -17.72
N PRO A 372 15.17 -10.56 -18.55
CA PRO A 372 14.44 -9.38 -18.99
C PRO A 372 13.89 -8.46 -17.88
N VAL A 373 13.46 -9.04 -16.75
CA VAL A 373 12.96 -8.21 -15.67
C VAL A 373 14.03 -7.20 -15.25
N TRP A 374 15.27 -7.64 -15.14
CA TRP A 374 16.33 -6.76 -14.67
C TRP A 374 16.89 -5.89 -15.81
N VAL A 375 17.00 -6.47 -16.99
CA VAL A 375 17.41 -5.69 -18.19
C VAL A 375 16.45 -4.51 -18.42
N ARG A 376 15.12 -4.75 -18.34
CA ARG A 376 14.11 -3.69 -18.47
C ARG A 376 14.36 -2.57 -17.45
N ALA A 377 14.60 -2.97 -16.19
CA ALA A 377 14.88 -2.01 -15.12
C ALA A 377 16.17 -1.20 -15.35
N LYS A 378 17.24 -1.87 -15.79
CA LYS A 378 18.52 -1.19 -16.04
C LYS A 378 18.35 -0.17 -17.16
N LYS A 379 17.65 -0.60 -18.22
CA LYS A 379 17.34 0.24 -19.38
C LYS A 379 16.58 1.50 -18.99
N LEU A 380 15.57 1.33 -18.13
CA LEU A 380 14.75 2.43 -17.62
C LEU A 380 15.61 3.41 -16.81
N PHE A 381 16.45 2.88 -15.91
CA PHE A 381 17.43 3.68 -15.18
C PHE A 381 18.35 4.46 -16.12
N ASP A 382 18.92 3.75 -17.11
CA ASP A 382 19.82 4.35 -18.09
C ASP A 382 19.16 5.50 -18.85
N ARG A 383 17.88 5.30 -19.21
CA ARG A 383 17.09 6.29 -19.92
C ARG A 383 16.83 7.56 -19.08
N HIS A 384 16.48 7.39 -17.81
CA HIS A 384 16.29 8.56 -16.92
C HIS A 384 17.63 9.29 -16.62
N CYS A 385 18.71 8.53 -16.43
CA CYS A 385 20.05 9.11 -16.25
C CYS A 385 20.50 9.95 -17.45
N ALA A 386 20.11 9.52 -18.63
CA ALA A 386 20.38 10.22 -19.89
C ALA A 386 19.72 11.59 -19.95
N ARG A 387 18.56 11.73 -19.30
CA ARG A 387 17.83 13.01 -19.21
C ARG A 387 18.49 14.04 -18.29
N VAL A 388 19.41 13.56 -17.44
CA VAL A 388 20.15 14.43 -16.52
C VAL A 388 21.39 14.95 -17.24
P AMP B . -5.60 -4.23 -9.36
O1P AMP B . -5.13 -5.68 -9.44
O2P AMP B . -4.66 -3.32 -10.13
O3P AMP B . -5.95 -3.72 -7.96
O5' AMP B . -6.93 -4.28 -10.23
C5' AMP B . -7.59 -3.11 -10.65
C4' AMP B . -9.02 -3.52 -10.91
O4' AMP B . -9.71 -2.30 -11.13
C3' AMP B . -9.20 -4.42 -12.12
O3' AMP B . -10.19 -5.43 -11.86
C2' AMP B . -9.72 -3.43 -13.17
O2' AMP B . -10.52 -4.03 -14.20
C1' AMP B . -10.52 -2.48 -12.29
N9 AMP B . -10.75 -1.18 -12.95
C8 AMP B . -9.88 -0.49 -13.71
N7 AMP B . -10.46 0.65 -14.16
C5 AMP B . -11.73 0.68 -13.67
C6 AMP B . -12.88 1.59 -13.76
N6 AMP B . -12.76 2.73 -14.50
N1 AMP B . -14.02 1.24 -13.10
C2 AMP B . -14.14 0.10 -12.37
N3 AMP B . -13.12 -0.79 -12.25
C4 AMP B . -11.92 -0.55 -12.87
#